data_3G6T
#
_entry.id   3G6T
#
_cell.length_a   115.693
_cell.length_b   39.716
_cell.length_c   95.228
_cell.angle_alpha   90.00
_cell.angle_beta   122.79
_cell.angle_gamma   90.00
#
_symmetry.space_group_name_H-M   'C 1 2 1'
#
loop_
_entity.id
_entity.type
_entity.pdbx_description
1 polymer 'Glucocorticoid receptor'
2 polymer "DNA (5'-D(*TP*AP*GP*AP*AP*CP*AP*CP*CP*CP*TP*GP*TP*TP*CP*T)-3')"
3 polymer "DNA (5'-D(*AP*AP*GP*AP*AP*CP*AP*GP*GP*GP*TP*GP*TP*TP*CP*T)-3')"
4 non-polymer 'ZINC ION'
5 water water
#
loop_
_entity_poly.entity_id
_entity_poly.type
_entity_poly.pdbx_seq_one_letter_code
_entity_poly.pdbx_strand_id
1 'polypeptide(L)'
;GSHMCLVCSDEASGCHYGVLTCGSCKVFFKRAVEGRQHNYLCAGRNDCIIDKIRRKNCPACRYRKCLQAGMNLEARKTKK
KIKGIQQATAG
;
A,B
2 'polydeoxyribonucleotide' (DT)(DA)(DG)(DA)(DA)(DC)(DA)(DC)(DC)(DC)(DT)(DG)(DT)(DT)(DC)(DT) D
3 'polydeoxyribonucleotide' (DA)(DA)(DG)(DA)(DA)(DC)(DA)(DG)(DG)(DG)(DT)(DG)(DT)(DT)(DC)(DT) C
#
# COMPACT_ATOMS: atom_id res chain seq x y z
N SER A 2 11.38 -15.37 -17.47
CA SER A 2 12.31 -15.03 -18.55
C SER A 2 13.21 -13.88 -18.11
N HIS A 3 12.69 -12.67 -18.20
CA HIS A 3 13.39 -11.48 -17.71
C HIS A 3 12.44 -10.60 -16.88
N MET A 4 11.35 -11.22 -16.39
CA MET A 4 10.43 -10.45 -15.54
C MET A 4 10.21 -10.98 -14.17
N CYS A 5 10.17 -10.04 -13.21
CA CYS A 5 9.95 -10.39 -11.80
C CYS A 5 8.67 -11.22 -11.58
N LEU A 6 8.74 -12.32 -10.84
CA LEU A 6 7.58 -13.17 -10.77
C LEU A 6 6.62 -12.63 -9.68
N VAL A 7 7.00 -11.58 -8.95
CA VAL A 7 6.17 -11.00 -7.88
C VAL A 7 5.45 -9.79 -8.44
N CYS A 8 6.18 -8.94 -9.16
CA CYS A 8 5.60 -7.67 -9.59
C CYS A 8 5.62 -7.45 -11.09
N SER A 9 6.27 -8.33 -11.85
CA SER A 9 6.42 -8.14 -13.33
C SER A 9 7.35 -7.03 -13.82
N ASP A 10 7.94 -6.25 -12.94
CA ASP A 10 8.96 -5.32 -13.36
C ASP A 10 10.10 -6.21 -14.00
N GLU A 11 11.17 -5.60 -14.48
CA GLU A 11 12.31 -6.38 -15.02
C GLU A 11 13.12 -7.11 -13.92
N ALA A 12 13.16 -8.44 -14.00
CA ALA A 12 13.91 -9.22 -13.04
C ALA A 12 15.39 -8.97 -13.22
N SER A 13 16.11 -9.08 -12.12
CA SER A 13 17.53 -8.78 -12.15
C SER A 13 18.30 -10.00 -11.72
N GLY A 14 17.63 -11.07 -11.32
CA GLY A 14 18.36 -12.28 -10.95
C GLY A 14 17.43 -13.20 -10.22
N CYS A 15 17.96 -14.32 -9.79
CA CYS A 15 17.19 -15.31 -9.07
C CYS A 15 17.47 -15.03 -7.61
N HIS A 16 16.52 -14.38 -6.91
CA HIS A 16 16.82 -14.02 -5.51
C HIS A 16 15.88 -14.81 -4.58
N TYR A 17 16.47 -15.33 -3.48
CA TYR A 17 15.79 -16.16 -2.50
C TYR A 17 15.03 -17.21 -3.25
N GLY A 18 15.64 -17.70 -4.34
CA GLY A 18 15.09 -18.83 -5.10
C GLY A 18 14.17 -18.50 -6.25
N VAL A 19 13.93 -17.22 -6.51
CA VAL A 19 12.97 -16.88 -7.51
C VAL A 19 13.44 -15.75 -8.39
N LEU A 20 13.02 -15.72 -9.64
CA LEU A 20 13.41 -14.61 -10.53
C LEU A 20 12.67 -13.36 -10.01
N THR A 21 13.37 -12.31 -9.58
CA THR A 21 12.67 -11.11 -9.12
C THR A 21 13.49 -9.88 -9.41
N CYS A 22 12.87 -8.72 -9.26
CA CYS A 22 13.61 -7.48 -9.43
C CYS A 22 14.24 -7.21 -8.11
N GLY A 23 15.17 -6.25 -8.10
CA GLY A 23 15.86 -5.86 -6.88
C GLY A 23 14.90 -5.35 -5.78
N SER A 24 13.82 -4.65 -6.18
CA SER A 24 12.97 -4.02 -5.14
C SER A 24 12.23 -5.12 -4.40
N CYS A 25 11.74 -6.12 -5.11
CA CYS A 25 11.11 -7.26 -4.42
C CYS A 25 12.07 -8.10 -3.66
N LYS A 26 13.29 -8.24 -4.16
CA LYS A 26 14.31 -8.92 -3.36
C LYS A 26 14.46 -8.31 -1.99
N VAL A 27 14.61 -6.98 -1.88
CA VAL A 27 14.90 -6.45 -0.57
C VAL A 27 13.57 -6.26 0.21
N PHE A 28 12.47 -6.06 -0.47
CA PHE A 28 11.17 -6.11 0.19
C PHE A 28 10.99 -7.43 0.96
N PHE A 29 11.24 -8.52 0.26
CA PHE A 29 11.06 -9.83 0.88
C PHE A 29 12.00 -10.08 2.03
N LYS A 30 13.27 -9.69 1.88
CA LYS A 30 14.19 -9.83 3.04
C LYS A 30 13.72 -8.99 4.19
N ARG A 31 13.30 -7.77 3.91
CA ARG A 31 12.83 -6.91 5.02
C ARG A 31 11.54 -7.47 5.67
N ALA A 32 10.69 -8.09 4.89
CA ALA A 32 9.44 -8.64 5.45
C ALA A 32 9.68 -9.82 6.40
N VAL A 33 10.57 -10.76 6.04
CA VAL A 33 10.78 -11.96 6.83
C VAL A 33 11.81 -11.79 7.97
N GLU A 34 12.67 -10.79 7.87
CA GLU A 34 13.61 -10.51 8.97
C GLU A 34 12.84 -9.61 9.92
N GLY A 35 13.07 -9.73 11.21
CA GLY A 35 12.28 -8.94 12.14
C GLY A 35 10.81 -9.30 12.05
N ARG A 36 10.01 -8.46 11.38
CA ARG A 36 8.55 -8.55 11.46
C ARG A 36 8.16 -8.11 12.89
N GLN A 37 6.87 -8.06 13.23
CA GLN A 37 5.79 -8.52 12.38
C GLN A 37 5.27 -7.46 11.39
N HIS A 38 5.68 -6.19 11.53
CA HIS A 38 5.55 -5.22 10.43
C HIS A 38 4.18 -4.61 10.20
N ASN A 39 3.18 -5.14 10.88
CA ASN A 39 2.20 -5.88 10.13
C ASN A 39 1.22 -5.33 9.08
N TYR A 40 1.06 -6.18 8.08
CA TYR A 40 0.47 -5.84 6.80
C TYR A 40 -0.94 -6.34 6.78
N LEU A 41 -1.82 -5.49 6.32
CA LEU A 41 -3.18 -5.86 6.16
C LEU A 41 -3.63 -5.38 4.79
N CYS A 42 -4.37 -6.18 4.07
CA CYS A 42 -4.89 -5.75 2.76
C CYS A 42 -6.16 -4.91 3.01
N ALA A 43 -6.30 -3.78 2.34
CA ALA A 43 -7.52 -2.97 2.41
C ALA A 43 -8.52 -3.36 1.32
N GLY A 44 -8.13 -4.31 0.48
CA GLY A 44 -8.94 -4.75 -0.65
C GLY A 44 -9.49 -6.12 -0.37
N ARG A 45 -9.36 -7.05 -1.31
CA ARG A 45 -9.84 -8.42 -1.10
C ARG A 45 -8.70 -9.46 -1.20
N ASN A 46 -7.54 -9.08 -0.70
CA ASN A 46 -6.35 -9.92 -0.88
C ASN A 46 -6.04 -10.36 -2.30
N ASP A 47 -6.30 -9.48 -3.28
CA ASP A 47 -6.01 -9.77 -4.66
C ASP A 47 -5.64 -8.48 -5.36
N CYS A 48 -5.03 -7.55 -4.65
CA CYS A 48 -4.56 -6.33 -5.25
C CYS A 48 -3.62 -6.64 -6.38
N ILE A 49 -3.58 -5.75 -7.36
CA ILE A 49 -2.63 -5.84 -8.51
C ILE A 49 -1.29 -5.38 -8.03
N ILE A 50 -0.34 -6.27 -8.07
CA ILE A 50 1.00 -5.93 -7.62
C ILE A 50 1.90 -5.82 -8.87
N ASP A 51 2.15 -4.59 -9.30
CA ASP A 51 3.04 -4.37 -10.44
C ASP A 51 3.87 -3.14 -10.15
N LYS A 52 4.60 -2.63 -11.12
CA LYS A 52 5.63 -1.59 -10.83
C LYS A 52 4.94 -0.35 -10.24
N ILE A 53 3.84 0.03 -10.84
CA ILE A 53 3.19 1.25 -10.39
C ILE A 53 2.37 1.08 -9.08
N ARG A 54 1.93 -0.13 -8.77
CA ARG A 54 1.11 -0.36 -7.56
C ARG A 54 1.73 -1.16 -6.36
N ARG A 55 2.93 -1.76 -6.49
CA ARG A 55 3.35 -2.72 -5.52
C ARG A 55 3.57 -2.05 -4.19
N LYS A 56 3.83 -0.75 -4.17
CA LYS A 56 3.93 -0.04 -2.84
C LYS A 56 2.59 0.06 -2.07
N ASN A 57 1.47 -0.03 -2.78
CA ASN A 57 0.19 0.17 -2.10
C ASN A 57 -0.18 -0.93 -1.16
N CYS A 58 0.13 -2.18 -1.52
CA CYS A 58 -0.30 -3.26 -0.66
C CYS A 58 0.79 -4.26 -0.37
N PRO A 59 1.60 -3.97 0.65
CA PRO A 59 2.68 -4.87 1.07
C PRO A 59 2.05 -6.18 1.44
N ALA A 60 0.80 -6.25 1.92
CA ALA A 60 0.21 -7.55 2.31
C ALA A 60 0.12 -8.46 1.08
N CYS A 61 -0.48 -7.97 0.01
CA CYS A 61 -0.61 -8.77 -1.25
C CYS A 61 0.83 -8.99 -1.86
N ARG A 62 1.66 -7.99 -1.79
CA ARG A 62 3.05 -8.14 -2.39
C ARG A 62 3.74 -9.23 -1.64
N TYR A 63 3.64 -9.25 -0.31
CA TYR A 63 4.29 -10.34 0.47
C TYR A 63 3.66 -11.71 0.23
N ARG A 64 2.33 -11.77 0.08
CA ARG A 64 1.71 -13.03 -0.24
C ARG A 64 2.21 -13.49 -1.63
N LYS A 65 2.39 -12.58 -2.56
CA LYS A 65 2.86 -13.00 -3.89
C LYS A 65 4.33 -13.51 -3.84
N CYS A 66 5.16 -12.90 -2.99
CA CYS A 66 6.53 -13.42 -2.72
C CYS A 66 6.49 -14.88 -2.24
N LEU A 67 5.69 -15.17 -1.21
CA LEU A 67 5.53 -16.51 -0.70
C LEU A 67 4.98 -17.43 -1.76
N GLN A 68 3.97 -16.99 -2.50
CA GLN A 68 3.31 -17.88 -3.45
C GLN A 68 4.31 -18.19 -4.56
N ALA A 69 5.23 -17.27 -4.84
CA ALA A 69 6.19 -17.55 -5.94
C ALA A 69 7.29 -18.50 -5.42
N GLY A 70 7.38 -18.71 -4.11
CA GLY A 70 8.38 -19.67 -3.59
C GLY A 70 9.57 -19.01 -2.92
N MET A 71 9.52 -17.70 -2.71
CA MET A 71 10.69 -17.08 -2.11
C MET A 71 10.97 -17.67 -0.76
N ASN A 72 12.25 -17.92 -0.47
CA ASN A 72 12.62 -18.38 0.87
C ASN A 72 14.07 -18.08 1.17
N LEU A 73 14.34 -17.71 2.38
CA LEU A 73 15.65 -17.19 2.75
C LEU A 73 16.73 -18.24 2.48
N GLU A 74 16.43 -19.48 2.85
CA GLU A 74 17.42 -20.55 2.77
C GLU A 74 17.58 -21.06 1.34
N ALA A 75 17.03 -20.35 0.36
CA ALA A 75 17.09 -20.83 -1.01
C ALA A 75 18.58 -21.02 -1.37
N ARG A 76 19.47 -20.19 -0.81
CA ARG A 76 20.90 -20.28 -1.17
C ARG A 76 21.53 -21.53 -0.56
N LYS A 77 21.47 -21.63 0.76
CA LYS A 77 22.06 -22.76 1.48
C LYS A 77 21.31 -24.07 1.22
N THR A 78 20.32 -24.04 0.33
CA THR A 78 19.60 -25.24 -0.10
C THR A 78 20.29 -25.84 -1.34
N LYS A 79 21.45 -25.28 -1.71
CA LYS A 79 22.19 -25.72 -2.88
C LYS A 79 21.32 -25.67 -4.14
N HIS B 3 -16.71 12.74 17.55
CA HIS B 3 -15.46 12.18 18.03
C HIS B 3 -14.87 11.16 17.05
N MET B 4 -15.37 11.14 15.81
CA MET B 4 -14.92 10.15 14.82
C MET B 4 -14.61 10.73 13.43
N CYS B 5 -13.39 10.52 12.95
CA CYS B 5 -13.03 10.97 11.61
C CYS B 5 -14.02 10.45 10.58
N LEU B 6 -14.53 11.35 9.73
CA LEU B 6 -15.45 10.93 8.67
C LEU B 6 -14.70 10.17 7.55
N VAL B 7 -13.38 10.32 7.49
CA VAL B 7 -12.62 9.67 6.42
C VAL B 7 -12.11 8.28 6.82
N CYS B 8 -11.41 8.18 7.94
CA CYS B 8 -10.86 6.90 8.34
C CYS B 8 -11.48 6.34 9.62
N SER B 9 -12.43 7.06 10.20
CA SER B 9 -13.09 6.60 11.42
C SER B 9 -12.12 6.46 12.60
N ASP B 10 -10.98 7.14 12.54
CA ASP B 10 -10.11 7.28 13.70
C ASP B 10 -10.83 8.27 14.61
N GLU B 11 -10.14 8.75 15.65
CA GLU B 11 -10.72 9.75 16.54
C GLU B 11 -10.41 11.15 16.01
N ALA B 12 -11.44 11.93 15.78
CA ALA B 12 -11.32 13.22 15.10
C ALA B 12 -10.85 14.32 16.04
N SER B 13 -10.18 15.32 15.47
CA SER B 13 -9.61 16.41 16.25
C SER B 13 -10.26 17.76 15.91
N GLY B 14 -11.44 17.71 15.32
CA GLY B 14 -12.19 18.92 14.98
C GLY B 14 -12.44 19.02 13.48
N CYS B 15 -13.03 20.13 13.06
CA CYS B 15 -13.32 20.37 11.65
C CYS B 15 -12.10 20.88 10.88
N HIS B 16 -11.65 20.07 9.93
CA HIS B 16 -10.56 20.44 9.04
C HIS B 16 -11.04 20.49 7.61
N TYR B 17 -10.72 21.58 6.93
CA TYR B 17 -11.16 21.79 5.55
C TYR B 17 -12.63 21.45 5.36
N GLY B 18 -13.44 21.75 6.36
CA GLY B 18 -14.88 21.66 6.24
C GLY B 18 -15.49 20.41 6.81
N VAL B 19 -14.65 19.49 7.28
CA VAL B 19 -15.13 18.19 7.75
C VAL B 19 -14.48 17.79 9.06
N LEU B 20 -15.23 17.07 9.87
CA LEU B 20 -14.69 16.45 11.08
C LEU B 20 -13.73 15.32 10.74
N THR B 21 -12.42 15.58 10.82
CA THR B 21 -11.42 14.56 10.50
C THR B 21 -10.34 14.47 11.58
N CYS B 22 -9.59 13.38 11.58
CA CYS B 22 -8.44 13.24 12.47
C CYS B 22 -7.30 14.11 11.96
N GLY B 23 -6.21 14.19 12.71
CA GLY B 23 -5.05 14.95 12.30
C GLY B 23 -4.32 14.31 11.11
N SER B 24 -4.25 12.99 11.07
CA SER B 24 -3.49 12.34 10.00
C SER B 24 -4.23 12.61 8.68
N CYS B 25 -5.56 12.57 8.71
CA CYS B 25 -6.38 12.76 7.50
C CYS B 25 -6.39 14.23 7.06
N LYS B 26 -6.24 15.13 8.04
CA LYS B 26 -6.14 16.57 7.76
C LYS B 26 -4.92 16.87 6.87
N VAL B 27 -3.74 16.48 7.36
CA VAL B 27 -2.49 16.74 6.67
C VAL B 27 -2.38 15.91 5.37
N PHE B 28 -2.95 14.71 5.37
CA PHE B 28 -2.95 13.92 4.15
C PHE B 28 -3.72 14.65 3.06
N PHE B 29 -4.90 15.18 3.40
CA PHE B 29 -5.72 15.87 2.41
C PHE B 29 -4.99 17.09 1.86
N LYS B 30 -4.40 17.88 2.75
CA LYS B 30 -3.65 19.06 2.31
C LYS B 30 -2.59 18.66 1.31
N ARG B 31 -1.83 17.63 1.64
CA ARG B 31 -0.71 17.19 0.79
C ARG B 31 -1.20 16.73 -0.58
N ALA B 32 -2.30 15.99 -0.59
CA ALA B 32 -2.84 15.44 -1.83
C ALA B 32 -3.32 16.53 -2.79
N VAL B 33 -4.18 17.43 -2.33
CA VAL B 33 -4.78 18.41 -3.22
C VAL B 33 -3.71 19.36 -3.81
N GLU B 34 -2.66 19.61 -3.04
CA GLU B 34 -1.62 20.54 -3.46
C GLU B 34 -0.65 19.93 -4.49
N GLY B 35 -0.28 18.67 -4.31
CA GLY B 35 0.52 17.97 -5.30
C GLY B 35 -0.41 17.42 -6.38
N ARG B 36 -0.52 16.12 -6.61
CA ARG B 36 0.15 14.98 -5.95
C ARG B 36 -0.82 13.80 -6.12
N GLN B 37 -2.11 14.12 -6.04
CA GLN B 37 -3.17 13.14 -6.14
C GLN B 37 -3.28 12.60 -7.56
N HIS B 38 -2.70 13.32 -8.52
CA HIS B 38 -2.77 12.91 -9.92
C HIS B 38 -2.02 11.59 -10.14
N ASN B 39 -1.12 11.25 -9.25
CA ASN B 39 -0.31 10.04 -9.43
C ASN B 39 -0.80 8.83 -8.61
N TYR B 40 -1.96 9.00 -7.98
CA TYR B 40 -2.53 7.96 -7.13
C TYR B 40 -3.23 6.92 -7.98
N LEU B 41 -3.04 5.64 -7.68
CA LEU B 41 -3.72 4.63 -8.42
C LEU B 41 -4.00 3.49 -7.48
N CYS B 42 -5.28 3.17 -7.38
CA CYS B 42 -5.73 2.10 -6.51
C CYS B 42 -5.27 0.79 -7.08
N ALA B 43 -4.81 -0.09 -6.20
CA ALA B 43 -4.43 -1.43 -6.61
C ALA B 43 -5.58 -2.44 -6.50
N GLY B 44 -6.77 -1.99 -6.08
CA GLY B 44 -7.91 -2.89 -5.97
C GLY B 44 -8.99 -2.50 -7.00
N ARG B 45 -10.10 -1.97 -6.50
CA ARG B 45 -11.34 -1.77 -7.26
C ARG B 45 -11.89 -0.40 -6.95
N ASN B 46 -11.06 0.50 -6.46
CA ASN B 46 -11.51 1.86 -6.07
C ASN B 46 -12.50 1.79 -4.93
N ASP B 47 -12.40 0.75 -4.12
CA ASP B 47 -13.24 0.71 -2.90
C ASP B 47 -12.48 0.15 -1.71
N CYS B 48 -11.23 0.54 -1.49
CA CYS B 48 -10.51 -0.05 -0.39
C CYS B 48 -11.13 0.41 0.93
N ILE B 49 -10.93 -0.39 1.99
CA ILE B 49 -11.32 0.02 3.36
C ILE B 49 -10.32 1.03 3.88
N ILE B 50 -10.80 2.20 4.24
CA ILE B 50 -9.94 3.20 4.85
C ILE B 50 -10.28 3.27 6.34
N ASP B 51 -9.47 2.63 7.18
CA ASP B 51 -9.62 2.76 8.62
C ASP B 51 -8.25 3.09 9.19
N LYS B 52 -8.15 3.20 10.51
CA LYS B 52 -6.92 3.72 11.09
C LYS B 52 -5.72 2.90 10.67
N ILE B 53 -5.92 1.61 10.52
CA ILE B 53 -4.79 0.75 10.25
C ILE B 53 -4.48 0.63 8.75
N ARG B 54 -5.49 0.83 7.91
CA ARG B 54 -5.28 0.65 6.47
C ARG B 54 -5.29 1.92 5.62
N ARG B 55 -5.51 3.07 6.24
CA ARG B 55 -5.58 4.31 5.48
C ARG B 55 -4.28 4.63 4.72
N LYS B 56 -3.16 4.10 5.19
CA LYS B 56 -1.87 4.36 4.57
C LYS B 56 -1.75 3.62 3.23
N ASN B 57 -2.49 2.53 3.08
CA ASN B 57 -2.35 1.67 1.92
C ASN B 57 -2.72 2.36 0.63
N CYS B 58 -3.87 3.02 0.59
CA CYS B 58 -4.34 3.47 -0.71
C CYS B 58 -4.71 4.94 -0.67
N PRO B 59 -3.74 5.78 -1.04
CA PRO B 59 -3.97 7.22 -1.12
C PRO B 59 -5.11 7.55 -2.07
N ALA B 60 -5.24 6.83 -3.18
CA ALA B 60 -6.34 7.10 -4.11
C ALA B 60 -7.71 6.99 -3.43
N CYS B 61 -7.95 5.90 -2.69
CA CYS B 61 -9.22 5.72 -1.98
C CYS B 61 -9.34 6.64 -0.79
N ARG B 62 -8.24 6.88 -0.10
CA ARG B 62 -8.27 7.80 1.02
C ARG B 62 -8.68 9.14 0.49
N TYR B 63 -8.04 9.55 -0.60
CA TYR B 63 -8.28 10.87 -1.12
C TYR B 63 -9.70 11.02 -1.68
N ARG B 64 -10.20 9.99 -2.34
CA ARG B 64 -11.60 10.02 -2.78
C ARG B 64 -12.56 10.09 -1.59
N LYS B 65 -12.26 9.38 -0.52
CA LYS B 65 -13.10 9.46 0.68
C LYS B 65 -13.09 10.90 1.20
N CYS B 66 -11.92 11.55 1.16
CA CYS B 66 -11.82 12.91 1.64
C CYS B 66 -12.82 13.78 0.87
N LEU B 67 -12.73 13.75 -0.45
CA LEU B 67 -13.58 14.56 -1.29
C LEU B 67 -15.05 14.27 -1.04
N GLN B 68 -15.39 12.99 -1.02
CA GLN B 68 -16.77 12.59 -0.84
C GLN B 68 -17.29 13.05 0.51
N ALA B 69 -16.41 13.13 1.50
CA ALA B 69 -16.84 13.57 2.84
C ALA B 69 -16.99 15.10 2.88
N GLY B 70 -16.66 15.77 1.77
CA GLY B 70 -16.87 17.20 1.65
C GLY B 70 -15.60 18.01 1.66
N MET B 71 -14.53 17.44 2.20
CA MET B 71 -13.28 18.16 2.38
C MET B 71 -12.99 19.08 1.18
N ASN B 72 -12.46 20.26 1.48
CA ASN B 72 -12.36 21.34 0.51
C ASN B 72 -11.43 22.40 1.05
N LEU B 73 -10.64 23.02 0.20
CA LEU B 73 -9.68 24.00 0.66
C LEU B 73 -10.32 25.26 1.24
N GLU B 74 -11.21 25.89 0.48
CA GLU B 74 -11.86 27.12 0.95
C GLU B 74 -13.30 26.84 1.35
#